data_7JSL
#
_entry.id   7JSL
#
_cell.length_a   127.537
_cell.length_b   128.464
_cell.length_c   174.914
_cell.angle_alpha   90.000
_cell.angle_beta   90.000
_cell.angle_gamma   90.000
#
_symmetry.space_group_name_H-M   'I 2 2 2'
#
loop_
_entity.id
_entity.type
_entity.pdbx_description
1 polymer "DNA (5'-D(*AP*CP*CP*GP*GP*AP*AP*GP*TP*G)-3')"
2 polymer "DNA (5'-D(*CP*AP*CP*TP*TP*CP*CP*GP*GP*T)-3')"
3 polymer 'ETS domain-containing transcription factor ERF'
#
loop_
_entity_poly.entity_id
_entity_poly.type
_entity_poly.pdbx_seq_one_letter_code
_entity_poly.pdbx_strand_id
1 'polydeoxyribonucleotide' (DA)(DC)(DC)(DG)(DG)(DA)(DA)(DG)(DT)(DG) B,A,F,I
2 'polydeoxyribonucleotide' (DC)(DA)(DC)(DT)(DT)(DC)(DC)(DG)(DG)(DT) C,D,G,K
3 'polypeptide(L)'
;GPHMPGSRQIQLWHFILELLRKEEYQGVIAWQGDYGEFVIKDPDEVARLWGVRKCKPQMNYDKLSRALRYYYNKRILHKT
KGKRFTYKFNFNKLVLVNYPFIDVGLAGGAVPQSAPPVPSGGS
;
J,E,H,L
#
loop_
_chem_comp.id
_chem_comp.type
_chem_comp.name
_chem_comp.formula
DA DNA linking 2'-DEOXYADENOSINE-5'-MONOPHOSPHATE 'C10 H14 N5 O6 P'
DC DNA linking 2'-DEOXYCYTIDINE-5'-MONOPHOSPHATE 'C9 H14 N3 O7 P'
DG DNA linking 2'-DEOXYGUANOSINE-5'-MONOPHOSPHATE 'C10 H14 N5 O7 P'
DT DNA linking THYMIDINE-5'-MONOPHOSPHATE 'C10 H15 N2 O8 P'
#
# COMPACT_ATOMS: atom_id res chain seq x y z
N GLN C 11 0.56 7.15 7.64
CA GLN C 11 1.51 7.63 8.72
C GLN C 11 0.70 8.26 9.84
N LEU C 12 1.28 8.42 11.05
CA LEU C 12 0.59 9.00 12.24
C LEU C 12 0.54 10.53 12.12
N TRP C 13 1.69 11.20 12.01
CA TRP C 13 1.73 12.69 11.93
C TRP C 13 0.79 13.16 10.82
N HIS C 14 0.72 12.43 9.70
CA HIS C 14 -0.34 12.61 8.68
C HIS C 14 -1.69 12.63 9.39
N PHE C 15 -2.06 11.50 10.00
CA PHE C 15 -3.38 11.27 10.65
C PHE C 15 -3.69 12.44 11.58
N ILE C 16 -2.71 12.81 12.42
CA ILE C 16 -2.86 13.98 13.34
C ILE C 16 -3.33 15.17 12.50
N LEU C 17 -2.57 15.53 11.46
CA LEU C 17 -2.87 16.71 10.61
C LEU C 17 -4.26 16.54 9.99
N GLU C 18 -4.54 15.36 9.41
CA GLU C 18 -5.87 15.01 8.86
C GLU C 18 -6.96 15.49 9.82
N LEU C 19 -6.82 15.17 11.12
CA LEU C 19 -7.79 15.52 12.19
C LEU C 19 -7.76 17.03 12.43
N LEU C 20 -6.57 17.62 12.39
CA LEU C 20 -6.31 18.99 12.91
C LEU C 20 -6.78 20.05 11.90
N ARG C 21 -7.02 19.67 10.64
CA ARG C 21 -7.57 20.58 9.59
C ARG C 21 -9.05 20.24 9.36
N LYS C 22 -9.77 19.84 10.42
CA LYS C 22 -11.22 19.54 10.39
C LYS C 22 -11.84 19.97 11.74
N GLU C 23 -12.82 20.87 11.68
CA GLU C 23 -13.43 21.50 12.88
C GLU C 23 -14.16 20.43 13.71
N GLU C 24 -14.72 19.42 13.04
CA GLU C 24 -15.57 18.36 13.67
C GLU C 24 -14.77 17.52 14.69
N TYR C 25 -13.49 17.86 14.95
CA TYR C 25 -12.62 17.15 15.92
C TYR C 25 -11.97 18.13 16.93
N GLN C 26 -12.37 19.39 16.95
CA GLN C 26 -11.80 20.42 17.86
C GLN C 26 -12.05 20.02 19.33
N GLY C 27 -13.14 19.29 19.59
CA GLY C 27 -13.44 18.72 20.92
C GLY C 27 -12.40 17.69 21.35
N VAL C 28 -11.67 17.13 20.40
CA VAL C 28 -10.68 16.02 20.61
C VAL C 28 -9.26 16.59 20.54
N ILE C 29 -8.94 17.36 19.49
CA ILE C 29 -7.56 17.86 19.20
C ILE C 29 -7.67 19.17 18.38
N ALA C 30 -6.85 20.17 18.72
CA ALA C 30 -6.88 21.52 18.12
C ALA C 30 -5.50 22.21 18.26
N TRP C 31 -5.25 23.22 17.42
CA TRP C 31 -4.08 24.12 17.53
C TRP C 31 -4.23 25.00 18.77
N GLN C 32 -3.13 25.26 19.48
CA GLN C 32 -3.07 26.21 20.62
C GLN C 32 -1.66 26.79 20.73
N GLY C 33 -1.50 27.85 21.52
CA GLY C 33 -0.22 28.57 21.72
C GLY C 33 0.43 28.99 20.42
N ASP C 34 1.70 28.62 20.24
CA ASP C 34 2.60 29.08 19.14
C ASP C 34 2.19 28.51 17.77
N TYR C 35 2.97 28.81 16.74
CA TYR C 35 2.77 28.40 15.33
C TYR C 35 3.30 26.97 15.12
N GLY C 36 2.41 25.98 15.12
CA GLY C 36 2.75 24.54 15.00
C GLY C 36 2.46 23.77 16.28
N GLU C 37 2.12 24.47 17.36
CA GLU C 37 1.70 23.87 18.66
C GLU C 37 0.28 23.31 18.51
N PHE C 38 0.01 22.16 19.12
CA PHE C 38 -1.33 21.53 19.18
C PHE C 38 -1.48 20.69 20.45
N VAL C 39 -2.70 20.67 20.98
CA VAL C 39 -3.04 20.02 22.29
C VAL C 39 -4.12 18.97 22.05
N ILE C 40 -3.87 17.74 22.50
CA ILE C 40 -4.89 16.66 22.56
C ILE C 40 -5.79 16.92 23.78
N LYS C 41 -7.07 17.18 23.55
CA LYS C 41 -8.07 17.45 24.62
C LYS C 41 -8.57 16.12 25.18
N ASP C 42 -8.68 15.07 24.36
CA ASP C 42 -9.19 13.72 24.75
C ASP C 42 -8.20 12.63 24.32
N PRO C 43 -7.12 12.39 25.09
CA PRO C 43 -6.11 11.38 24.75
C PRO C 43 -6.66 10.01 24.33
N ASP C 44 -7.62 9.49 25.10
CA ASP C 44 -8.12 8.09 24.96
C ASP C 44 -8.91 7.96 23.65
N GLU C 45 -9.74 8.96 23.32
CA GLU C 45 -10.54 9.01 22.07
C GLU C 45 -9.60 8.97 20.86
N VAL C 46 -8.66 9.94 20.77
CA VAL C 46 -7.69 10.04 19.64
C VAL C 46 -7.18 8.63 19.35
N ALA C 47 -6.52 8.03 20.36
CA ALA C 47 -5.93 6.68 20.32
C ALA C 47 -6.94 5.69 19.70
N ARG C 48 -8.20 5.75 20.17
CA ARG C 48 -9.29 4.88 19.66
C ARG C 48 -9.42 5.03 18.15
N LEU C 49 -9.37 6.29 17.66
CA LEU C 49 -9.54 6.64 16.22
C LEU C 49 -8.34 6.14 15.40
N TRP C 50 -7.13 6.43 15.86
CA TRP C 50 -5.88 5.91 15.23
C TRP C 50 -5.93 4.38 15.21
N GLY C 51 -6.41 3.77 16.31
CA GLY C 51 -6.57 2.31 16.49
C GLY C 51 -7.68 1.74 15.60
N VAL C 52 -8.69 2.56 15.32
CA VAL C 52 -9.71 2.26 14.27
C VAL C 52 -9.00 2.27 12.91
N ARG C 53 -8.32 3.38 12.57
CA ARG C 53 -7.72 3.59 11.23
C ARG C 53 -6.68 2.48 10.97
N LYS C 54 -5.84 2.15 11.95
CA LYS C 54 -4.77 1.11 11.81
C LYS C 54 -5.33 -0.28 12.16
N CYS C 55 -6.64 -0.41 12.32
CA CYS C 55 -7.36 -1.69 12.58
C CYS C 55 -6.79 -2.38 13.82
N LYS C 56 -6.13 -1.61 14.68
CA LYS C 56 -5.47 -2.09 15.92
C LYS C 56 -6.39 -1.72 17.07
N PRO C 57 -7.22 -2.66 17.57
CA PRO C 57 -8.24 -2.31 18.54
C PRO C 57 -7.63 -1.99 19.92
N GLN C 58 -6.43 -2.52 20.20
CA GLN C 58 -5.75 -2.49 21.52
C GLN C 58 -4.87 -1.25 21.65
N MET C 59 -5.11 -0.22 20.84
CA MET C 59 -4.37 1.06 20.85
C MET C 59 -4.81 1.88 22.07
N ASN C 60 -3.91 2.69 22.62
CA ASN C 60 -4.19 3.66 23.72
C ASN C 60 -3.07 4.70 23.75
N TYR C 61 -3.29 5.83 24.43
CA TYR C 61 -2.40 7.01 24.39
C TYR C 61 -0.95 6.59 24.70
N ASP C 62 -0.75 5.66 25.66
CA ASP C 62 0.60 5.16 26.08
C ASP C 62 1.38 4.73 24.84
N LYS C 63 0.77 3.87 24.03
CA LYS C 63 1.38 3.29 22.81
C LYS C 63 1.55 4.42 21.77
N LEU C 64 0.50 5.22 21.55
CA LEU C 64 0.50 6.35 20.58
C LEU C 64 1.62 7.33 20.96
N SER C 65 1.67 7.74 22.23
CA SER C 65 2.65 8.71 22.76
C SER C 65 4.07 8.23 22.47
N ARG C 66 4.34 6.93 22.63
CA ARG C 66 5.68 6.34 22.30
C ARG C 66 5.95 6.64 20.83
N ALA C 67 5.00 6.31 19.95
CA ALA C 67 5.10 6.56 18.49
C ALA C 67 5.59 8.00 18.28
N LEU C 68 4.94 8.95 18.96
CA LEU C 68 5.24 10.41 18.84
C LEU C 68 6.69 10.68 19.22
N ARG C 69 7.15 10.15 20.36
CA ARG C 69 8.53 10.38 20.89
C ARG C 69 9.57 9.93 19.85
N TYR C 70 9.29 8.88 19.07
CA TYR C 70 10.21 8.38 18.00
C TYR C 70 10.38 9.47 16.93
N TYR C 71 9.43 10.40 16.82
CA TYR C 71 9.45 11.55 15.88
C TYR C 71 10.42 12.64 16.36
N TYR C 72 10.81 12.66 17.65
CA TYR C 72 11.74 13.66 18.22
C TYR C 72 13.09 13.60 17.50
N ASN C 73 13.65 12.39 17.41
CA ASN C 73 14.93 12.10 16.72
C ASN C 73 14.79 12.42 15.23
N LYS C 74 13.60 12.18 14.67
CA LYS C 74 13.29 12.35 13.22
C LYS C 74 12.91 13.81 12.89
N ARG C 75 12.80 14.70 13.89
CA ARG C 75 12.63 16.17 13.74
C ARG C 75 11.31 16.53 13.03
N ILE C 76 10.27 15.71 13.18
CA ILE C 76 8.87 16.02 12.71
C ILE C 76 8.12 16.69 13.85
N LEU C 77 8.33 16.20 15.08
CA LEU C 77 7.67 16.70 16.31
C LEU C 77 8.70 17.00 17.40
N HIS C 78 8.25 17.69 18.45
CA HIS C 78 8.87 17.68 19.79
C HIS C 78 7.82 18.08 20.83
N LYS C 79 8.16 17.94 22.11
CA LYS C 79 7.28 18.28 23.26
C LYS C 79 7.47 19.75 23.66
N THR C 80 6.36 20.47 23.85
CA THR C 80 6.33 21.77 24.55
C THR C 80 6.29 21.49 26.06
N LYS C 81 7.43 21.63 26.73
CA LYS C 81 7.63 21.23 28.15
C LYS C 81 6.69 22.05 29.03
N GLY C 82 6.28 21.47 30.16
CA GLY C 82 5.34 22.11 31.12
C GLY C 82 3.90 21.84 30.75
N LYS C 83 3.54 22.09 29.49
CA LYS C 83 2.15 21.97 28.97
C LYS C 83 1.80 20.50 28.77
N ARG C 84 0.61 20.08 29.24
CA ARG C 84 0.07 18.71 29.11
C ARG C 84 -0.37 18.46 27.66
N PHE C 85 0.00 17.31 27.10
CA PHE C 85 -0.55 16.77 25.83
C PHE C 85 -0.28 17.74 24.68
N THR C 86 0.80 18.51 24.81
CA THR C 86 1.13 19.65 23.93
C THR C 86 2.46 19.36 23.24
N TYR C 87 2.38 18.99 21.96
CA TYR C 87 3.53 18.77 21.06
C TYR C 87 3.54 19.90 20.01
N LYS C 88 4.61 19.99 19.24
CA LYS C 88 4.80 21.08 18.25
C LYS C 88 5.61 20.56 17.07
N PHE C 89 5.18 20.90 15.86
CA PHE C 89 5.79 20.45 14.58
C PHE C 89 7.07 21.26 14.33
N ASN C 90 8.01 20.67 13.58
CA ASN C 90 9.34 21.26 13.23
C ASN C 90 9.31 21.80 11.79
N PHE C 91 8.62 22.93 11.60
CA PHE C 91 8.50 23.66 10.31
C PHE C 91 9.63 24.68 10.21
N ASN C 92 10.87 24.17 10.17
CA ASN C 92 12.12 24.95 9.95
C ASN C 92 13.26 24.02 9.52
N GLN F 11 3.06 -8.78 -5.00
CA GLN F 11 3.97 -9.96 -4.80
C GLN F 11 4.49 -10.41 -6.17
N LEU F 12 5.49 -11.30 -6.21
CA LEU F 12 6.11 -11.80 -7.48
C LEU F 12 5.29 -12.96 -8.06
N TRP F 13 5.03 -14.01 -7.27
CA TRP F 13 4.26 -15.19 -7.75
C TRP F 13 2.90 -14.73 -8.30
N HIS F 14 2.26 -13.78 -7.62
CA HIS F 14 1.06 -13.06 -8.15
C HIS F 14 1.35 -12.63 -9.59
N PHE F 15 2.41 -11.82 -9.77
CA PHE F 15 2.81 -11.19 -11.05
C PHE F 15 3.02 -12.26 -12.12
N ILE F 16 3.66 -13.37 -11.74
CA ILE F 16 3.86 -14.53 -12.66
C ILE F 16 2.49 -14.99 -13.16
N LEU F 17 1.56 -15.23 -12.24
CA LEU F 17 0.19 -15.73 -12.56
C LEU F 17 -0.58 -14.67 -13.34
N GLU F 18 -0.43 -13.40 -13.00
CA GLU F 18 -1.04 -12.25 -13.72
C GLU F 18 -0.69 -12.33 -15.21
N LEU F 19 0.55 -12.69 -15.53
CA LEU F 19 1.05 -12.85 -16.93
C LEU F 19 0.54 -14.16 -17.53
N LEU F 20 0.39 -15.19 -16.70
CA LEU F 20 0.25 -16.61 -17.11
C LEU F 20 -1.22 -17.02 -17.30
N ARG F 21 -2.16 -16.08 -17.13
CA ARG F 21 -3.59 -16.30 -17.49
C ARG F 21 -3.96 -15.31 -18.61
N LYS F 22 -2.95 -14.79 -19.33
CA LYS F 22 -3.09 -13.82 -20.45
C LYS F 22 -2.29 -14.32 -21.66
N GLU F 23 -2.93 -14.38 -22.83
CA GLU F 23 -2.37 -14.99 -24.07
C GLU F 23 -1.37 -14.04 -24.73
N GLU F 24 -1.54 -12.72 -24.54
CA GLU F 24 -0.67 -11.68 -25.14
C GLU F 24 0.77 -11.80 -24.61
N TYR F 25 1.04 -12.73 -23.69
CA TYR F 25 2.37 -12.96 -23.04
C TYR F 25 2.84 -14.41 -23.18
N GLN F 26 2.28 -15.19 -24.12
CA GLN F 26 2.69 -16.61 -24.34
C GLN F 26 4.08 -16.66 -25.00
N GLY F 27 4.49 -15.59 -25.69
CA GLY F 27 5.81 -15.45 -26.33
C GLY F 27 6.92 -15.08 -25.35
N VAL F 28 6.56 -14.86 -24.07
CA VAL F 28 7.50 -14.52 -22.96
C VAL F 28 7.46 -15.62 -21.90
N ILE F 29 6.27 -16.10 -21.53
CA ILE F 29 6.06 -17.13 -20.47
C ILE F 29 4.75 -17.89 -20.76
N ALA F 30 4.71 -19.18 -20.43
CA ALA F 30 3.54 -20.06 -20.68
C ALA F 30 3.63 -21.34 -19.83
N TRP F 31 2.47 -21.96 -19.57
CA TRP F 31 2.35 -23.32 -18.95
C TRP F 31 2.92 -24.35 -19.91
N GLN F 32 3.58 -25.40 -19.39
CA GLN F 32 4.04 -26.56 -20.19
C GLN F 32 4.08 -27.79 -19.28
N GLY F 33 4.46 -28.95 -19.83
CA GLY F 33 4.59 -30.24 -19.11
C GLY F 33 3.39 -30.52 -18.21
N ASP F 34 3.66 -30.84 -16.95
CA ASP F 34 2.66 -31.31 -15.93
C ASP F 34 1.73 -30.16 -15.51
N TYR F 35 0.96 -30.38 -14.44
CA TYR F 35 -0.06 -29.43 -13.89
C TYR F 35 0.60 -28.50 -12.87
N GLY F 36 0.66 -27.19 -13.20
CA GLY F 36 1.33 -26.17 -12.38
C GLY F 36 2.74 -25.85 -12.88
N GLU F 37 3.25 -26.64 -13.84
CA GLU F 37 4.56 -26.41 -14.51
C GLU F 37 4.46 -25.20 -15.43
N PHE F 38 5.53 -24.39 -15.52
CA PHE F 38 5.62 -23.24 -16.46
C PHE F 38 7.08 -22.93 -16.80
N VAL F 39 7.27 -22.36 -17.99
CA VAL F 39 8.60 -22.07 -18.60
C VAL F 39 8.63 -20.61 -19.03
N ILE F 40 9.68 -19.90 -18.61
CA ILE F 40 10.04 -18.55 -19.13
C ILE F 40 10.74 -18.74 -20.47
N LYS F 41 10.17 -18.18 -21.54
CA LYS F 41 10.72 -18.29 -22.92
C LYS F 41 11.73 -17.15 -23.16
N ASP F 42 11.56 -15.99 -22.51
CA ASP F 42 12.47 -14.81 -22.66
C ASP F 42 12.79 -14.25 -21.27
N PRO F 43 13.73 -14.88 -20.52
CA PRO F 43 14.06 -14.47 -19.15
C PRO F 43 14.28 -12.96 -18.89
N ASP F 44 14.94 -12.27 -19.81
CA ASP F 44 15.36 -10.84 -19.63
C ASP F 44 14.15 -9.92 -19.79
N GLU F 45 13.20 -10.27 -20.67
CA GLU F 45 11.92 -9.53 -20.88
C GLU F 45 11.08 -9.59 -19.60
N VAL F 46 10.83 -10.79 -19.06
CA VAL F 46 10.05 -11.02 -17.81
C VAL F 46 10.58 -10.05 -16.75
N ALA F 47 11.88 -10.19 -16.45
CA ALA F 47 12.61 -9.37 -15.47
C ALA F 47 12.34 -7.88 -15.73
N ARG F 48 12.53 -7.42 -16.98
CA ARG F 48 12.31 -6.01 -17.39
C ARG F 48 10.92 -5.57 -16.91
N LEU F 49 9.89 -6.40 -17.17
CA LEU F 49 8.46 -6.12 -16.83
C LEU F 49 8.27 -6.08 -15.32
N TRP F 50 8.86 -7.04 -14.59
CA TRP F 50 8.84 -7.06 -13.10
C TRP F 50 9.62 -5.86 -12.56
N GLY F 51 10.62 -5.40 -13.31
CA GLY F 51 11.39 -4.17 -13.01
C GLY F 51 10.57 -2.92 -13.26
N VAL F 52 9.72 -2.94 -14.28
CA VAL F 52 8.72 -1.88 -14.60
C VAL F 52 7.69 -1.82 -13.47
N ARG F 53 7.12 -2.97 -13.08
CA ARG F 53 6.02 -3.05 -12.09
C ARG F 53 6.55 -2.76 -10.68
N LYS F 54 7.84 -2.97 -10.40
CA LYS F 54 8.45 -2.69 -9.06
C LYS F 54 9.28 -1.39 -9.09
N CYS F 55 9.17 -0.60 -10.18
CA CYS F 55 9.87 0.71 -10.38
C CYS F 55 11.36 0.55 -10.11
N LYS F 56 11.89 -0.66 -10.36
CA LYS F 56 13.29 -1.04 -10.12
C LYS F 56 13.92 -1.27 -11.49
N PRO F 57 14.50 -0.23 -12.13
CA PRO F 57 14.90 -0.32 -13.53
C PRO F 57 16.04 -1.33 -13.73
N GLN F 58 16.80 -1.59 -12.65
CA GLN F 58 18.05 -2.41 -12.63
C GLN F 58 17.74 -3.89 -12.33
N MET F 59 16.52 -4.34 -12.62
CA MET F 59 16.09 -5.75 -12.43
C MET F 59 16.63 -6.58 -13.61
N ASN F 60 17.03 -7.83 -13.34
CA ASN F 60 17.43 -8.83 -14.37
C ASN F 60 17.22 -10.24 -13.80
N TYR F 61 17.28 -11.27 -14.65
CA TYR F 61 16.83 -12.65 -14.32
C TYR F 61 17.57 -13.18 -13.09
N ASP F 62 18.88 -12.87 -12.95
CA ASP F 62 19.73 -13.28 -11.80
C ASP F 62 19.03 -12.91 -10.49
N LYS F 63 18.60 -11.66 -10.38
CA LYS F 63 17.93 -11.11 -9.17
C LYS F 63 16.56 -11.76 -9.01
N LEU F 64 15.73 -11.70 -10.07
CA LEU F 64 14.36 -12.30 -10.11
C LEU F 64 14.47 -13.76 -9.66
N SER F 65 15.34 -14.53 -10.30
CA SER F 65 15.59 -15.95 -9.98
C SER F 65 15.79 -16.11 -8.47
N ARG F 66 16.70 -15.34 -7.88
CA ARG F 66 17.01 -15.42 -6.42
C ARG F 66 15.68 -15.32 -5.66
N ALA F 67 14.84 -14.34 -6.01
CA ALA F 67 13.49 -14.15 -5.44
C ALA F 67 12.76 -15.51 -5.46
N LEU F 68 12.74 -16.16 -6.63
CA LEU F 68 11.99 -17.44 -6.86
C LEU F 68 12.54 -18.54 -5.95
N ARG F 69 13.86 -18.59 -5.76
CA ARG F 69 14.51 -19.61 -4.89
C ARG F 69 14.01 -19.46 -3.45
N TYR F 70 13.77 -18.23 -2.97
CA TYR F 70 13.25 -17.95 -1.61
C TYR F 70 11.83 -18.53 -1.45
N TYR F 71 11.17 -18.87 -2.57
CA TYR F 71 9.82 -19.49 -2.59
C TYR F 71 9.92 -21.02 -2.37
N TYR F 72 11.13 -21.61 -2.36
CA TYR F 72 11.33 -23.08 -2.18
C TYR F 72 11.02 -23.48 -0.73
N ASN F 73 11.56 -22.74 0.23
CA ASN F 73 11.34 -22.94 1.70
C ASN F 73 9.90 -22.63 2.07
N LYS F 74 9.29 -21.65 1.39
CA LYS F 74 7.91 -21.15 1.64
C LYS F 74 6.88 -22.13 1.04
N ARG F 75 7.31 -22.99 0.11
CA ARG F 75 6.49 -24.08 -0.53
C ARG F 75 5.43 -23.49 -1.47
N ILE F 76 5.70 -22.32 -2.07
CA ILE F 76 4.85 -21.74 -3.17
C ILE F 76 5.33 -22.34 -4.49
N LEU F 77 6.65 -22.50 -4.65
CA LEU F 77 7.30 -22.98 -5.90
C LEU F 77 8.28 -24.13 -5.60
N HIS F 78 8.88 -24.65 -6.67
CA HIS F 78 10.15 -25.43 -6.68
C HIS F 78 10.60 -25.60 -8.14
N LYS F 79 11.83 -26.07 -8.35
CA LYS F 79 12.41 -26.29 -9.70
C LYS F 79 12.05 -27.69 -10.22
N THR F 80 11.63 -27.77 -11.47
CA THR F 80 11.57 -29.03 -12.26
C THR F 80 12.97 -29.29 -12.82
N LYS F 81 13.69 -30.24 -12.21
CA LYS F 81 15.12 -30.49 -12.48
C LYS F 81 15.29 -30.94 -13.93
N GLY F 82 16.40 -30.56 -14.57
CA GLY F 82 16.72 -30.88 -15.98
C GLY F 82 16.25 -29.78 -16.91
N LYS F 83 14.99 -29.39 -16.81
CA LYS F 83 14.33 -28.42 -17.73
C LYS F 83 14.75 -26.99 -17.38
N ARG F 84 15.31 -26.28 -18.36
CA ARG F 84 15.73 -24.86 -18.27
C ARG F 84 14.52 -24.00 -17.91
N PHE F 85 14.70 -22.98 -17.05
CA PHE F 85 13.73 -21.88 -16.81
C PHE F 85 12.33 -22.45 -16.53
N THR F 86 12.29 -23.65 -15.93
CA THR F 86 11.05 -24.42 -15.71
C THR F 86 10.85 -24.59 -14.19
N TYR F 87 9.90 -23.85 -13.63
CA TYR F 87 9.47 -23.96 -12.21
C TYR F 87 8.05 -24.51 -12.18
N LYS F 88 7.56 -24.89 -11.00
CA LYS F 88 6.25 -25.56 -10.80
C LYS F 88 5.64 -25.15 -9.46
N PHE F 89 4.34 -24.86 -9.46
CA PHE F 89 3.58 -24.37 -8.28
C PHE F 89 3.18 -25.57 -7.41
N ASN F 90 3.23 -25.38 -6.08
CA ASN F 90 2.93 -26.41 -5.04
C ASN F 90 1.46 -26.31 -4.63
N PHE F 91 0.55 -26.74 -5.53
CA PHE F 91 -0.91 -26.75 -5.33
C PHE F 91 -1.32 -28.06 -4.62
N ASN F 92 -0.80 -28.25 -3.40
CA ASN F 92 -1.05 -29.44 -2.54
C ASN F 92 -0.64 -29.14 -1.10
N ILE I 10 1.52 7.22 -0.87
CA ILE I 10 2.31 8.45 -0.51
C ILE I 10 1.62 9.67 -1.15
N GLN I 11 1.03 10.53 -0.31
CA GLN I 11 0.34 11.80 -0.71
C GLN I 11 1.41 12.81 -1.16
N LEU I 12 1.01 13.86 -1.89
CA LEU I 12 1.94 14.90 -2.41
C LEU I 12 2.33 15.86 -1.28
N TRP I 13 1.36 16.48 -0.60
CA TRP I 13 1.61 17.44 0.51
C TRP I 13 2.51 16.79 1.57
N HIS I 14 2.29 15.50 1.86
CA HIS I 14 3.23 14.65 2.62
C HIS I 14 4.63 14.83 2.03
N PHE I 15 4.81 14.43 0.77
CA PHE I 15 6.10 14.44 0.05
C PHE I 15 6.77 15.82 0.17
N ILE I 16 6.00 16.89 -0.04
CA ILE I 16 6.49 18.30 0.06
C ILE I 16 7.15 18.48 1.43
N LEU I 17 6.41 18.17 2.49
CA LEU I 17 6.90 18.32 3.89
C LEU I 17 8.13 17.42 4.06
N GLU I 18 8.06 16.15 3.62
CA GLU I 18 9.18 15.17 3.69
C GLU I 18 10.47 15.82 3.18
N LEU I 19 10.39 16.63 2.12
CA LEU I 19 11.55 17.37 1.55
C LEU I 19 11.87 18.58 2.44
N LEU I 20 10.83 19.28 2.89
CA LEU I 20 10.94 20.66 3.44
C LEU I 20 11.56 20.65 4.85
N ARG I 21 11.54 19.51 5.54
CA ARG I 21 12.17 19.34 6.89
C ARG I 21 13.53 18.63 6.72
N LYS I 22 14.21 18.85 5.59
CA LYS I 22 15.56 18.28 5.28
C LYS I 22 16.43 19.35 4.61
N GLU I 23 17.58 19.64 5.20
CA GLU I 23 18.51 20.74 4.80
C GLU I 23 19.13 20.45 3.44
N GLU I 24 19.30 19.17 3.09
CA GLU I 24 19.97 18.72 1.85
C GLU I 24 19.21 19.20 0.60
N TYR I 25 17.97 19.70 0.76
CA TYR I 25 17.05 20.07 -0.36
C TYR I 25 16.75 21.57 -0.41
N GLN I 26 17.37 22.39 0.46
CA GLN I 26 17.10 23.85 0.55
C GLN I 26 17.40 24.54 -0.79
N GLY I 27 18.30 23.99 -1.60
CA GLY I 27 18.64 24.49 -2.95
C GLY I 27 17.53 24.23 -3.96
N VAL I 28 16.56 23.38 -3.61
CA VAL I 28 15.39 23.00 -4.48
C VAL I 28 14.11 23.64 -3.92
N ILE I 29 13.89 23.54 -2.61
CA ILE I 29 12.67 24.04 -1.90
C ILE I 29 13.03 24.40 -0.46
N ALA I 30 12.35 25.38 0.13
CA ALA I 30 12.59 25.88 1.50
C ALA I 30 11.41 26.75 1.97
N TRP I 31 11.31 26.97 3.29
CA TRP I 31 10.35 27.92 3.90
C TRP I 31 10.81 29.34 3.57
N GLN I 32 9.88 30.30 3.51
CA GLN I 32 10.19 31.75 3.37
C GLN I 32 9.02 32.55 3.95
N GLY I 33 9.12 33.88 3.90
CA GLY I 33 8.10 34.83 4.37
C GLY I 33 7.45 34.38 5.67
N ASP I 34 6.11 34.24 5.64
CA ASP I 34 5.22 34.02 6.82
C ASP I 34 5.37 32.59 7.36
N TYR I 35 4.44 32.19 8.24
CA TYR I 35 4.40 30.89 8.97
C TYR I 35 3.54 29.87 8.22
N GLY I 36 4.16 29.06 7.37
CA GLY I 36 3.46 28.09 6.50
C GLY I 36 3.72 28.38 5.03
N GLU I 37 4.26 29.56 4.73
CA GLU I 37 4.75 29.93 3.37
C GLU I 37 6.00 29.11 3.04
N PHE I 38 6.09 28.65 1.79
CA PHE I 38 7.30 28.00 1.23
C PHE I 38 7.38 28.30 -0.27
N VAL I 39 8.58 28.15 -0.83
CA VAL I 39 8.88 28.48 -2.24
C VAL I 39 9.64 27.30 -2.87
N ILE I 40 9.30 27.00 -4.12
CA ILE I 40 10.05 26.06 -4.98
C ILE I 40 11.08 26.85 -5.78
N LYS I 41 12.36 26.72 -5.43
CA LYS I 41 13.47 27.42 -6.12
C LYS I 41 13.67 26.82 -7.52
N ASP I 42 13.65 25.48 -7.63
CA ASP I 42 13.95 24.75 -8.89
C ASP I 42 12.77 23.84 -9.26
N PRO I 43 11.65 24.40 -9.78
CA PRO I 43 10.43 23.64 -10.04
C PRO I 43 10.57 22.25 -10.67
N ASP I 44 11.32 22.17 -11.76
CA ASP I 44 11.38 20.94 -12.60
C ASP I 44 12.11 19.83 -11.83
N GLU I 45 13.12 20.18 -11.04
CA GLU I 45 13.86 19.26 -10.13
C GLU I 45 12.84 18.61 -9.18
N VAL I 46 12.06 19.44 -8.46
CA VAL I 46 10.99 18.98 -7.51
C VAL I 46 10.15 17.92 -8.24
N ALA I 47 9.53 18.34 -9.34
CA ALA I 47 8.69 17.47 -10.21
C ALA I 47 9.42 16.14 -10.45
N ARG I 48 10.68 16.22 -10.90
CA ARG I 48 11.51 15.02 -11.25
C ARG I 48 11.51 14.03 -10.08
N LEU I 49 11.64 14.52 -8.84
CA LEU I 49 11.70 13.69 -7.60
C LEU I 49 10.33 13.11 -7.29
N TRP I 50 9.26 13.90 -7.42
CA TRP I 50 7.86 13.43 -7.22
C TRP I 50 7.49 12.42 -8.33
N GLY I 51 8.08 12.58 -9.52
CA GLY I 51 7.92 11.66 -10.67
C GLY I 51 8.78 10.42 -10.51
N VAL I 52 9.82 10.52 -9.68
CA VAL I 52 10.64 9.36 -9.20
C VAL I 52 9.80 8.58 -8.17
N ARG I 53 9.34 9.23 -7.11
CA ARG I 53 8.65 8.57 -5.96
C ARG I 53 7.35 7.91 -6.42
N LYS I 54 6.64 8.49 -7.42
CA LYS I 54 5.34 7.97 -7.94
C LYS I 54 5.54 7.12 -9.20
N CYS I 55 6.79 6.77 -9.54
CA CYS I 55 7.16 5.90 -10.68
C CYS I 55 6.59 6.45 -12.00
N LYS I 56 6.36 7.76 -12.05
CA LYS I 56 5.71 8.43 -13.20
C LYS I 56 6.75 9.30 -13.88
N PRO I 57 7.46 8.78 -14.91
CA PRO I 57 8.66 9.45 -15.42
C PRO I 57 8.33 10.74 -16.19
N GLN I 58 7.08 10.85 -16.66
CA GLN I 58 6.59 11.94 -17.55
C GLN I 58 6.10 13.15 -16.74
N MET I 59 6.36 13.16 -15.43
CA MET I 59 5.93 14.26 -14.50
C MET I 59 6.74 15.53 -14.81
N ASN I 60 6.13 16.69 -14.56
CA ASN I 60 6.76 18.04 -14.67
C ASN I 60 5.92 19.03 -13.85
N TYR I 61 6.40 20.27 -13.67
CA TYR I 61 5.78 21.26 -12.74
C TYR I 61 4.31 21.49 -13.14
N ASP I 62 4.00 21.54 -14.44
CA ASP I 62 2.63 21.75 -14.98
C ASP I 62 1.64 20.80 -14.29
N LYS I 63 1.95 19.50 -14.32
CA LYS I 63 1.07 18.42 -13.82
C LYS I 63 1.00 18.48 -12.29
N LEU I 64 2.17 18.64 -11.64
CA LEU I 64 2.31 18.78 -10.17
C LEU I 64 1.43 19.95 -9.72
N SER I 65 1.64 21.12 -10.31
CA SER I 65 0.91 22.38 -10.00
C SER I 65 -0.59 22.10 -9.97
N ARG I 66 -1.13 21.47 -11.02
CA ARG I 66 -2.57 21.15 -11.09
C ARG I 66 -2.95 20.41 -9.80
N ALA I 67 -2.18 19.38 -9.45
CA ALA I 67 -2.35 18.61 -8.20
C ALA I 67 -2.52 19.60 -7.03
N LEU I 68 -1.56 20.52 -6.90
CA LEU I 68 -1.52 21.51 -5.78
C LEU I 68 -2.82 22.32 -5.77
N ARG I 69 -3.33 22.69 -6.94
CA ARG I 69 -4.54 23.55 -7.08
C ARG I 69 -5.78 22.80 -6.55
N TYR I 70 -5.82 21.48 -6.67
CA TYR I 70 -6.93 20.64 -6.14
C TYR I 70 -6.97 20.74 -4.61
N TYR I 71 -5.83 21.08 -3.98
CA TYR I 71 -5.69 21.24 -2.51
C TYR I 71 -6.42 22.51 -2.02
N TYR I 72 -6.62 23.51 -2.89
CA TYR I 72 -7.27 24.81 -2.55
C TYR I 72 -8.66 24.56 -1.94
N ASN I 73 -9.48 23.77 -2.65
CA ASN I 73 -10.88 23.44 -2.25
C ASN I 73 -10.88 22.54 -1.02
N LYS I 74 -9.81 21.75 -0.84
CA LYS I 74 -9.63 20.80 0.29
C LYS I 74 -9.10 21.55 1.52
N ARG I 75 -8.55 22.75 1.34
CA ARG I 75 -8.05 23.67 2.43
C ARG I 75 -6.80 23.08 3.09
N ILE I 76 -5.96 22.38 2.34
CA ILE I 76 -4.60 21.96 2.77
C ILE I 76 -3.63 23.09 2.40
N LEU I 77 -3.76 23.62 1.19
CA LEU I 77 -2.89 24.68 0.61
C LEU I 77 -3.72 25.87 0.14
N HIS I 78 -3.02 26.94 -0.25
CA HIS I 78 -3.50 28.02 -1.15
C HIS I 78 -2.28 28.73 -1.74
N LYS I 79 -2.49 29.62 -2.71
CA LYS I 79 -1.41 30.45 -3.32
C LYS I 79 -1.26 31.75 -2.53
N THR I 80 -0.01 32.12 -2.26
CA THR I 80 0.40 33.49 -1.86
C THR I 80 0.57 34.31 -3.14
N LYS I 81 -0.35 35.23 -3.40
CA LYS I 81 -0.46 35.99 -4.68
C LYS I 81 0.75 36.90 -4.84
N GLY I 82 1.16 37.15 -6.09
CA GLY I 82 2.29 38.05 -6.42
C GLY I 82 3.61 37.29 -6.50
N LYS I 83 3.98 36.61 -5.41
CA LYS I 83 5.25 35.84 -5.30
C LYS I 83 5.15 34.59 -6.19
N ARG I 84 6.22 34.28 -6.92
CA ARG I 84 6.32 33.11 -7.83
C ARG I 84 6.51 31.84 -7.00
N PHE I 85 5.86 30.74 -7.39
CA PHE I 85 6.12 29.36 -6.86
C PHE I 85 5.93 29.31 -5.34
N THR I 86 5.17 30.26 -4.81
CA THR I 86 5.03 30.48 -3.36
C THR I 86 3.61 30.08 -2.95
N TYR I 87 3.50 28.94 -2.26
CA TYR I 87 2.24 28.43 -1.68
C TYR I 87 2.36 28.48 -0.15
N LYS I 88 1.25 28.23 0.55
CA LYS I 88 1.17 28.40 2.02
C LYS I 88 0.15 27.39 2.57
N PHE I 89 0.52 26.69 3.65
CA PHE I 89 -0.28 25.61 4.29
C PHE I 89 -1.36 26.22 5.19
N ASN I 90 -2.53 25.58 5.24
CA ASN I 90 -3.72 26.04 6.00
C ASN I 90 -3.73 25.38 7.40
N PHE I 91 -2.87 25.88 8.29
CA PHE I 91 -2.75 25.42 9.70
C PHE I 91 -3.64 26.28 10.59
N ASN I 92 -4.95 26.20 10.35
CA ASN I 92 -5.98 26.97 11.09
C ASN I 92 -7.35 26.28 10.94
N GLN L 11 -5.36 -8.81 -2.22
CA GLN L 11 -6.44 -9.37 -3.13
C GLN L 11 -7.13 -10.53 -2.40
N LEU L 12 -8.25 -11.04 -2.94
CA LEU L 12 -9.03 -12.16 -2.32
C LEU L 12 -8.48 -13.51 -2.81
N TRP L 13 -8.38 -13.71 -4.12
CA TRP L 13 -7.85 -14.99 -4.68
C TRP L 13 -6.48 -15.29 -4.09
N HIS L 14 -5.63 -14.27 -3.91
CA HIS L 14 -4.38 -14.36 -3.10
C HIS L 14 -4.72 -15.01 -1.76
N PHE L 15 -5.61 -14.38 -0.98
CA PHE L 15 -6.00 -14.78 0.40
C PHE L 15 -6.46 -16.23 0.41
N ILE L 16 -7.25 -16.63 -0.59
CA ILE L 16 -7.72 -18.03 -0.75
C ILE L 16 -6.49 -18.94 -0.79
N LEU L 17 -5.55 -18.66 -1.70
CA LEU L 17 -4.34 -19.49 -1.91
C LEU L 17 -3.51 -19.48 -0.61
N GLU L 18 -3.27 -18.30 -0.03
CA GLU L 18 -2.56 -18.14 1.26
C GLU L 18 -3.06 -19.20 2.25
N LEU L 19 -4.38 -19.38 2.36
CA LEU L 19 -5.02 -20.36 3.29
C LEU L 19 -4.83 -21.79 2.76
N LEU L 20 -4.77 -21.94 1.43
CA LEU L 20 -4.88 -23.25 0.72
C LEU L 20 -3.50 -23.87 0.46
N ARG L 21 -2.44 -23.31 1.05
CA ARG L 21 -1.09 -23.95 1.09
C ARG L 21 -0.64 -24.01 2.55
N LYS L 22 -1.59 -24.18 3.49
CA LYS L 22 -1.33 -24.30 4.95
C LYS L 22 -2.26 -25.36 5.54
N GLU L 23 -1.70 -26.35 6.24
CA GLU L 23 -2.42 -27.54 6.74
C GLU L 23 -3.26 -27.20 7.97
N GLU L 24 -2.98 -26.07 8.63
CA GLU L 24 -3.71 -25.64 9.85
C GLU L 24 -5.10 -25.10 9.51
N TYR L 25 -5.50 -25.10 8.22
CA TYR L 25 -6.79 -24.54 7.72
C TYR L 25 -7.59 -25.55 6.88
N GLN L 26 -7.22 -26.85 6.89
CA GLN L 26 -7.90 -27.90 6.09
C GLN L 26 -9.33 -28.12 6.63
N GLY L 27 -9.55 -27.89 7.93
CA GLY L 27 -10.86 -28.00 8.58
C GLY L 27 -11.81 -26.89 8.17
N VAL L 28 -11.30 -25.87 7.47
CA VAL L 28 -12.08 -24.71 6.94
C VAL L 28 -12.19 -24.82 5.42
N ILE L 29 -11.04 -24.98 4.75
CA ILE L 29 -10.94 -25.00 3.26
C ILE L 29 -9.83 -25.98 2.85
N ALA L 30 -9.96 -26.60 1.68
CA ALA L 30 -8.99 -27.58 1.15
C ALA L 30 -9.21 -27.83 -0.35
N TRP L 31 -8.19 -28.35 -1.03
CA TRP L 31 -8.27 -28.87 -2.43
C TRP L 31 -9.10 -30.16 -2.43
N GLN L 32 -9.90 -30.38 -3.49
CA GLN L 32 -10.66 -31.64 -3.72
C GLN L 32 -10.82 -31.85 -5.22
N GLY L 33 -11.37 -33.00 -5.62
CA GLY L 33 -11.63 -33.38 -7.03
C GLY L 33 -10.44 -33.09 -7.93
N ASP L 34 -10.69 -32.37 -9.03
CA ASP L 34 -9.73 -32.10 -10.15
C ASP L 34 -8.53 -31.26 -9.66
N TYR L 35 -7.70 -30.82 -10.63
CA TYR L 35 -6.53 -29.94 -10.43
C TYR L 35 -6.97 -28.47 -10.52
N GLY L 36 -6.96 -27.76 -9.39
CA GLY L 36 -7.42 -26.36 -9.30
C GLY L 36 -8.78 -26.24 -8.62
N GLU L 37 -9.53 -27.33 -8.51
CA GLU L 37 -10.80 -27.41 -7.75
C GLU L 37 -10.49 -27.22 -6.26
N PHE L 38 -11.39 -26.56 -5.52
CA PHE L 38 -11.31 -26.44 -4.04
C PHE L 38 -12.70 -26.19 -3.45
N VAL L 39 -12.87 -26.62 -2.19
CA VAL L 39 -14.17 -26.62 -1.46
C VAL L 39 -13.99 -25.87 -0.14
N ILE L 40 -14.93 -24.98 0.16
CA ILE L 40 -15.05 -24.31 1.48
C ILE L 40 -15.89 -25.21 2.39
N LYS L 41 -15.28 -25.80 3.41
CA LYS L 41 -15.95 -26.72 4.37
C LYS L 41 -16.71 -25.89 5.42
N ASP L 42 -16.33 -24.62 5.63
CA ASP L 42 -16.90 -23.75 6.70
C ASP L 42 -17.08 -22.32 6.17
N PRO L 43 -18.05 -22.08 5.26
CA PRO L 43 -18.24 -20.78 4.61
C PRO L 43 -18.24 -19.54 5.51
N ASP L 44 -18.82 -19.65 6.69
CA ASP L 44 -19.03 -18.51 7.62
C ASP L 44 -17.68 -18.15 8.26
N GLU L 45 -16.87 -19.16 8.59
CA GLU L 45 -15.51 -18.99 9.17
C GLU L 45 -14.63 -18.21 8.18
N VAL L 46 -14.48 -18.73 6.96
CA VAL L 46 -13.61 -18.14 5.89
C VAL L 46 -13.88 -16.63 5.82
N ALA L 47 -15.15 -16.26 5.63
CA ALA L 47 -15.63 -14.86 5.55
C ALA L 47 -15.08 -14.09 6.75
N ARG L 48 -15.23 -14.65 7.96
CA ARG L 48 -14.80 -14.02 9.23
C ARG L 48 -13.30 -13.67 9.18
N LEU L 49 -12.49 -14.53 8.57
CA LEU L 49 -11.01 -14.35 8.45
C LEU L 49 -10.67 -13.31 7.38
N TRP L 50 -11.36 -13.35 6.24
CA TRP L 50 -11.24 -12.33 5.17
C TRP L 50 -11.68 -10.96 5.71
N GLY L 51 -12.74 -10.95 6.53
CA GLY L 51 -13.29 -9.75 7.21
C GLY L 51 -12.43 -9.28 8.36
N VAL L 52 -11.55 -10.16 8.86
CA VAL L 52 -10.45 -9.82 9.80
C VAL L 52 -9.31 -9.15 9.00
N ARG L 53 -8.93 -9.74 7.86
CA ARG L 53 -7.76 -9.28 7.05
C ARG L 53 -8.08 -8.00 6.27
N LYS L 54 -9.37 -7.65 6.09
CA LYS L 54 -9.79 -6.41 5.38
C LYS L 54 -10.51 -5.46 6.34
N CYS L 55 -10.24 -5.57 7.64
CA CYS L 55 -10.78 -4.69 8.73
C CYS L 55 -12.28 -4.49 8.56
N LYS L 56 -12.97 -5.44 7.91
CA LYS L 56 -14.41 -5.33 7.58
C LYS L 56 -15.14 -6.35 8.44
N PRO L 57 -15.69 -5.94 9.60
CA PRO L 57 -16.25 -6.90 10.56
C PRO L 57 -17.57 -7.51 10.07
N GLN L 58 -18.27 -6.81 9.17
CA GLN L 58 -19.65 -7.12 8.70
C GLN L 58 -19.62 -8.08 7.50
N MET L 59 -18.47 -8.66 7.20
CA MET L 59 -18.26 -9.59 6.07
C MET L 59 -18.98 -10.92 6.36
N ASN L 60 -19.62 -11.51 5.33
CA ASN L 60 -20.17 -12.89 5.36
C ASN L 60 -20.15 -13.49 3.96
N TYR L 61 -20.37 -14.80 3.84
CA TYR L 61 -20.13 -15.59 2.60
C TYR L 61 -20.90 -14.94 1.43
N ASP L 62 -22.13 -14.46 1.68
CA ASP L 62 -23.01 -13.82 0.66
C ASP L 62 -22.21 -12.73 -0.07
N LYS L 63 -21.57 -11.86 0.69
CA LYS L 63 -20.74 -10.75 0.17
C LYS L 63 -19.50 -11.35 -0.50
N LEU L 64 -18.75 -12.18 0.21
CA LEU L 64 -17.51 -12.85 -0.28
C LEU L 64 -17.82 -13.54 -1.61
N SER L 65 -18.87 -14.35 -1.63
CA SER L 65 -19.31 -15.10 -2.84
C SER L 65 -19.47 -14.13 -4.02
N ARG L 66 -20.14 -13.00 -3.82
CA ARG L 66 -20.30 -11.98 -4.90
C ARG L 66 -18.91 -11.69 -5.47
N ALA L 67 -17.98 -11.30 -4.60
CA ALA L 67 -16.57 -11.01 -4.97
C ALA L 67 -16.08 -12.11 -5.92
N LEU L 68 -16.25 -13.38 -5.52
CA LEU L 68 -15.75 -14.54 -6.29
C LEU L 68 -16.37 -14.50 -7.70
N ARG L 69 -17.66 -14.23 -7.81
CA ARG L 69 -18.43 -14.27 -9.09
C ARG L 69 -17.87 -13.24 -10.08
N TYR L 70 -17.44 -12.08 -9.61
CA TYR L 70 -16.80 -11.04 -10.46
C TYR L 70 -15.55 -11.63 -11.11
N TYR L 71 -14.93 -12.63 -10.46
CA TYR L 71 -13.71 -13.34 -10.96
C TYR L 71 -14.02 -14.22 -12.17
N TYR L 72 -15.30 -14.53 -12.45
CA TYR L 72 -15.71 -15.40 -13.59
C TYR L 72 -15.36 -14.75 -14.93
N ASN L 73 -15.70 -13.46 -15.06
CA ASN L 73 -15.46 -12.64 -16.28
C ASN L 73 -13.96 -12.43 -16.45
N LYS L 74 -13.26 -12.14 -15.34
CA LYS L 74 -11.79 -11.90 -15.30
C LYS L 74 -11.04 -13.18 -15.66
N ARG L 75 -11.64 -14.35 -15.44
CA ARG L 75 -11.09 -15.70 -15.79
C ARG L 75 -10.05 -16.15 -14.77
N ILE L 76 -10.11 -15.65 -13.53
CA ILE L 76 -9.29 -16.15 -12.39
C ILE L 76 -9.96 -17.42 -11.86
N LEU L 77 -11.28 -17.37 -11.69
CA LEU L 77 -12.09 -18.47 -11.12
C LEU L 77 -13.21 -18.88 -12.09
N HIS L 78 -13.89 -19.98 -11.76
CA HIS L 78 -15.26 -20.33 -12.20
C HIS L 78 -15.80 -21.43 -11.28
N LYS L 79 -17.13 -21.48 -11.13
CA LYS L 79 -17.84 -22.52 -10.32
C LYS L 79 -17.64 -23.90 -10.97
N THR L 80 -17.56 -24.93 -10.14
CA THR L 80 -17.83 -26.34 -10.54
C THR L 80 -19.30 -26.62 -10.24
N LYS L 81 -20.11 -26.79 -11.29
CA LYS L 81 -21.59 -26.89 -11.20
C LYS L 81 -21.98 -28.21 -10.53
N GLY L 82 -22.87 -28.15 -9.54
CA GLY L 82 -23.44 -29.34 -8.87
C GLY L 82 -22.89 -29.52 -7.46
N LYS L 83 -21.57 -29.43 -7.32
CA LYS L 83 -20.86 -29.51 -6.00
C LYS L 83 -21.03 -28.17 -5.28
N ARG L 84 -21.37 -28.22 -3.98
CA ARG L 84 -21.54 -27.02 -3.11
C ARG L 84 -20.18 -26.40 -2.79
N PHE L 85 -20.09 -25.07 -2.73
CA PHE L 85 -18.94 -24.30 -2.21
C PHE L 85 -17.65 -24.68 -2.95
N THR L 86 -17.81 -25.17 -4.17
CA THR L 86 -16.72 -25.75 -4.99
C THR L 86 -16.49 -24.84 -6.18
N TYR L 87 -15.34 -24.15 -6.18
CA TYR L 87 -14.86 -23.28 -7.29
C TYR L 87 -13.53 -23.85 -7.78
N LYS L 88 -13.11 -23.43 -8.97
CA LYS L 88 -11.90 -23.97 -9.65
C LYS L 88 -11.13 -22.82 -10.29
N PHE L 89 -9.80 -22.85 -10.14
CA PHE L 89 -8.85 -21.84 -10.70
C PHE L 89 -8.64 -22.13 -12.20
N ASN L 90 -8.48 -21.07 -12.99
CA ASN L 90 -8.33 -21.12 -14.47
C ASN L 90 -6.84 -21.07 -14.85
N PHE L 91 -6.12 -22.15 -14.55
CA PHE L 91 -4.68 -22.32 -14.86
C PHE L 91 -4.55 -22.81 -16.31
N ASN L 92 -4.86 -21.92 -17.26
CA ASN L 92 -4.80 -22.17 -18.72
C ASN L 92 -4.94 -20.86 -19.50
#